data_8E2Z
#
_entry.id   8E2Z
#
_cell.length_a   50.742
_cell.length_b   81.388
_cell.length_c   110.985
_cell.angle_alpha   90.00
_cell.angle_beta   90.00
_cell.angle_gamma   90.00
#
_symmetry.space_group_name_H-M   'P 21 21 21'
#
loop_
_entity.id
_entity.type
_entity.pdbx_description
1 polymer 'MHC class I protein (Fragment)'
2 polymer Beta-2-microglobulin
3 polymer ALA-PHE-ALA-LYS-LYS-LYS-TYR-CYS-LEU
4 water water
#
loop_
_entity_poly.entity_id
_entity_poly.type
_entity_poly.pdbx_seq_one_letter_code
_entity_poly.pdbx_strand_id
1 'polypeptide(L)'
;GSHSMRYFDTAMSRPGRGEPRFISVGYVDDTQFVRFDSDAASPREEPRAPWIEQEGPEYWDRNTQIFKTNTQTDRCSLRN
LRGYYNQSEAGSHTLQSMYGCDVGPDGRLLRGHNQYAYDGKDYIALNEDLRSWTAADTAAQITQRKWEAARVAEQDRAYL
EGTCVEWLRRYLENGKDTLERADPPKTHVTHHPISDHEATLRCWALGFYPAEITLTWQRDGEDQTQDTELVETRPAGDRT
FQKWAAVVVPSGEEQRYTCHVQHEGLPKPLTLRWEP
;
A
2 'polypeptide(L)'
;MIQRTPKIQVYSRHPAENGKSNFLNCYVSGFHPSDIEVDLLKNGERIEKVEHSDLSFSKDWSFYLLYYTEFTPTEKDEYA
CRVNHVTLSQPKIVKWDRDM
;
B
3 'polypeptide(L)' RARARARARARAFAKKKYCL C
#
# COMPACT_ATOMS: atom_id res chain seq x y z
N GLY A 1 15.32 7.83 -11.88
CA GLY A 1 16.10 7.30 -10.71
C GLY A 1 16.00 5.80 -10.59
N SER A 2 15.89 5.31 -9.36
CA SER A 2 15.82 3.85 -9.06
C SER A 2 14.38 3.37 -9.22
N HIS A 3 14.18 2.09 -9.50
CA HIS A 3 12.83 1.49 -9.71
C HIS A 3 12.77 0.11 -9.09
N SER A 4 11.54 -0.31 -8.79
CA SER A 4 11.26 -1.64 -8.21
C SER A 4 10.12 -2.29 -8.99
N MET A 5 10.19 -3.61 -9.11
CA MET A 5 9.01 -4.41 -9.47
C MET A 5 8.74 -5.31 -8.28
N ARG A 6 7.48 -5.35 -7.84
CA ARG A 6 7.15 -6.15 -6.64
C ARG A 6 5.76 -6.76 -6.84
N TYR A 7 5.65 -8.02 -6.48
CA TYR A 7 4.37 -8.72 -6.34
C TYR A 7 4.05 -8.81 -4.86
N PHE A 8 2.78 -8.57 -4.54
CA PHE A 8 2.20 -8.67 -3.19
C PHE A 8 1.10 -9.70 -3.26
N ASP A 9 1.34 -10.87 -2.68
CA ASP A 9 0.35 -11.98 -2.73
C ASP A 9 -0.24 -12.20 -1.35
N THR A 10 -1.56 -12.39 -1.31
CA THR A 10 -2.30 -12.70 -0.08
C THR A 10 -3.12 -13.97 -0.31
N ALA A 11 -2.96 -14.96 0.55
CA ALA A 11 -3.79 -16.18 0.53
C ALA A 11 -4.46 -16.26 1.90
N MET A 12 -5.77 -16.43 1.93
CA MET A 12 -6.50 -16.39 3.21
C MET A 12 -7.48 -17.55 3.27
N SER A 13 -7.30 -18.40 4.26
CA SER A 13 -8.25 -19.51 4.45
C SER A 13 -9.56 -18.98 5.06
N ARG A 14 -10.62 -19.73 4.85
CA ARG A 14 -11.98 -19.32 5.26
C ARG A 14 -12.79 -20.59 5.44
N PRO A 15 -12.50 -21.39 6.49
CA PRO A 15 -13.15 -22.68 6.66
C PRO A 15 -14.68 -22.55 6.61
N GLY A 16 -15.29 -23.42 5.83
CA GLY A 16 -16.76 -23.44 5.65
C GLY A 16 -17.24 -22.48 4.58
N ARG A 17 -16.34 -21.71 3.97
CA ARG A 17 -16.68 -20.69 2.94
C ARG A 17 -15.82 -20.92 1.70
N GLY A 18 -15.51 -22.18 1.42
CA GLY A 18 -14.76 -22.58 0.21
C GLY A 18 -13.25 -22.60 0.43
N GLU A 19 -12.53 -22.71 -0.66
CA GLU A 19 -11.06 -22.81 -0.64
C GLU A 19 -10.46 -21.44 -0.38
N PRO A 20 -9.21 -21.36 0.10
CA PRO A 20 -8.62 -20.06 0.39
C PRO A 20 -8.58 -19.13 -0.82
N ARG A 21 -8.93 -17.88 -0.60
CA ARG A 21 -8.80 -16.84 -1.63
C ARG A 21 -7.31 -16.55 -1.86
N PHE A 22 -6.90 -16.46 -3.11
CA PHE A 22 -5.54 -16.03 -3.50
C PHE A 22 -5.68 -14.77 -4.34
N ILE A 23 -4.98 -13.71 -3.94
CA ILE A 23 -4.88 -12.49 -4.78
C ILE A 23 -3.41 -12.14 -4.91
N SER A 24 -2.99 -11.85 -6.13
CA SER A 24 -1.62 -11.40 -6.47
C SER A 24 -1.73 -10.07 -7.17
N VAL A 25 -1.00 -9.05 -6.69
CA VAL A 25 -0.99 -7.74 -7.36
C VAL A 25 0.48 -7.40 -7.67
N GLY A 26 0.75 -6.99 -8.90
CA GLY A 26 2.09 -6.59 -9.33
C GLY A 26 2.18 -5.08 -9.47
N TYR A 27 3.29 -4.52 -9.00
CA TYR A 27 3.55 -3.07 -9.07
C TYR A 27 4.90 -2.82 -9.73
N VAL A 28 4.98 -1.74 -10.49
CA VAL A 28 6.26 -1.03 -10.75
C VAL A 28 6.20 0.22 -9.90
N ASP A 29 7.14 0.37 -8.96
CA ASP A 29 7.09 1.49 -7.99
C ASP A 29 5.67 1.55 -7.41
N ASP A 30 4.98 2.68 -7.52
CA ASP A 30 3.64 2.87 -6.90
C ASP A 30 2.52 2.70 -7.93
N THR A 31 2.80 2.04 -9.05
CA THR A 31 1.82 1.82 -10.15
C THR A 31 1.50 0.33 -10.24
N GLN A 32 0.25 -0.04 -9.98
CA GLN A 32 -0.20 -1.43 -10.17
C GLN A 32 -0.25 -1.72 -11.67
N PHE A 33 0.25 -2.87 -12.11
CA PHE A 33 0.18 -3.24 -13.55
C PHE A 33 -0.55 -4.55 -13.78
N VAL A 34 -0.75 -5.39 -12.75
CA VAL A 34 -1.46 -6.68 -12.95
C VAL A 34 -2.13 -7.05 -11.64
N ARG A 35 -3.25 -7.75 -11.77
CA ARG A 35 -3.93 -8.38 -10.63
C ARG A 35 -4.47 -9.72 -11.08
N PHE A 36 -4.39 -10.69 -10.17
CA PHE A 36 -5.08 -11.97 -10.30
C PHE A 36 -5.78 -12.26 -8.98
N ASP A 37 -7.08 -12.51 -9.04
CA ASP A 37 -7.90 -12.82 -7.85
C ASP A 37 -8.63 -14.13 -8.12
N SER A 38 -8.39 -15.15 -7.32
CA SER A 38 -9.05 -16.46 -7.52
C SER A 38 -10.57 -16.33 -7.35
N ASP A 39 -11.04 -15.27 -6.69
CA ASP A 39 -12.50 -15.01 -6.52
C ASP A 39 -13.09 -14.21 -7.69
N ALA A 40 -12.29 -13.72 -8.65
CA ALA A 40 -12.78 -12.84 -9.74
C ALA A 40 -13.97 -13.52 -10.45
N ALA A 41 -15.08 -12.81 -10.56
CA ALA A 41 -16.32 -13.27 -11.24
C ALA A 41 -16.04 -13.38 -12.74
N SER A 42 -15.18 -12.51 -13.25
CA SER A 42 -14.71 -12.45 -14.67
C SER A 42 -13.19 -12.48 -14.71
N PRO A 43 -12.55 -13.68 -14.71
CA PRO A 43 -11.09 -13.76 -14.76
C PRO A 43 -10.46 -13.18 -16.05
N ARG A 44 -11.28 -12.86 -17.07
CA ARG A 44 -10.82 -12.37 -18.40
C ARG A 44 -10.70 -10.84 -18.42
N GLU A 45 -11.41 -10.13 -17.52
CA GLU A 45 -11.49 -8.65 -17.51
C GLU A 45 -10.67 -8.09 -16.33
N GLU A 46 -9.80 -8.90 -15.73
CA GLU A 46 -8.93 -8.46 -14.59
C GLU A 46 -8.03 -7.34 -15.09
N PRO A 47 -7.78 -6.29 -14.26
CA PRO A 47 -7.15 -5.06 -14.73
C PRO A 47 -5.68 -5.23 -15.13
N ARG A 48 -5.24 -4.41 -16.09
CA ARG A 48 -3.83 -4.28 -16.55
C ARG A 48 -3.51 -2.79 -16.72
N ALA A 49 -2.27 -2.38 -16.45
CA ALA A 49 -1.78 -1.01 -16.76
C ALA A 49 -1.87 -0.80 -18.27
N PRO A 50 -2.14 0.44 -18.75
CA PRO A 50 -2.32 0.68 -20.18
C PRO A 50 -1.07 0.38 -21.03
N TRP A 51 0.12 0.42 -20.41
CA TRP A 51 1.42 0.18 -21.12
C TRP A 51 1.76 -1.31 -21.18
N ILE A 52 0.89 -2.20 -20.71
CA ILE A 52 1.02 -3.68 -20.91
C ILE A 52 0.51 -4.04 -22.31
N GLU A 53 1.26 -4.87 -23.04
CA GLU A 53 0.90 -5.40 -24.38
C GLU A 53 -0.06 -6.58 -24.18
N TRP A 60 -1.50 -12.97 -20.60
CA TRP A 60 -1.05 -14.07 -21.49
C TRP A 60 -1.36 -15.42 -20.82
N ASP A 61 -1.82 -16.40 -21.61
CA ASP A 61 -2.30 -17.73 -21.14
C ASP A 61 -1.28 -18.34 -20.18
N ARG A 62 0.00 -18.41 -20.59
CA ARG A 62 1.12 -19.00 -19.79
C ARG A 62 1.28 -18.23 -18.48
N ASN A 63 0.97 -16.94 -18.49
CA ASN A 63 1.11 -16.02 -17.32
C ASN A 63 -0.08 -16.19 -16.37
N THR A 64 -1.31 -16.15 -16.90
CA THR A 64 -2.53 -16.54 -16.14
C THR A 64 -2.27 -17.92 -15.55
N GLN A 65 -1.67 -18.82 -16.31
CA GLN A 65 -1.43 -20.21 -15.85
C GLN A 65 -0.53 -20.17 -14.59
N ILE A 66 0.49 -19.32 -14.55
CA ILE A 66 1.40 -19.24 -13.36
C ILE A 66 0.58 -18.79 -12.15
N PHE A 67 -0.33 -17.83 -12.31
CA PHE A 67 -1.16 -17.35 -11.18
C PHE A 67 -2.09 -18.47 -10.69
N LYS A 68 -2.66 -19.25 -11.62
CA LYS A 68 -3.55 -20.36 -11.27
C LYS A 68 -2.75 -21.42 -10.50
N THR A 69 -1.55 -21.75 -10.97
CA THR A 69 -0.69 -22.72 -10.25
C THR A 69 -0.33 -22.13 -8.88
N ASN A 70 -0.02 -20.84 -8.82
CA ASN A 70 0.35 -20.19 -7.53
C ASN A 70 -0.81 -20.25 -6.54
N THR A 71 -2.05 -20.15 -7.02
CA THR A 71 -3.23 -20.31 -6.15
C THR A 71 -3.15 -21.66 -5.45
N GLN A 72 -2.91 -22.72 -6.23
CA GLN A 72 -2.87 -24.09 -5.69
C GLN A 72 -1.69 -24.22 -4.73
N THR A 73 -0.54 -23.63 -5.08
CA THR A 73 0.67 -23.71 -4.25
C THR A 73 0.41 -23.01 -2.91
N ASP A 74 -0.20 -21.83 -2.90
CA ASP A 74 -0.48 -21.09 -1.64
C ASP A 74 -1.48 -21.89 -0.79
N ARG A 75 -2.43 -22.58 -1.42
CA ARG A 75 -3.38 -23.42 -0.66
C ARG A 75 -2.62 -24.58 -0.02
N CYS A 76 -1.70 -25.22 -0.75
CA CYS A 76 -0.78 -26.25 -0.19
C CYS A 76 -0.04 -25.67 1.01
N SER A 77 0.51 -24.48 0.85
CA SER A 77 1.30 -23.79 1.91
C SER A 77 0.43 -23.59 3.15
N LEU A 78 -0.81 -23.10 2.97
CA LEU A 78 -1.67 -22.85 4.14
C LEU A 78 -1.97 -24.16 4.87
N ARG A 79 -2.21 -25.26 4.16
CA ARG A 79 -2.44 -26.56 4.81
C ARG A 79 -1.20 -26.97 5.62
N ASN A 80 -0.02 -26.82 5.03
CA ASN A 80 1.24 -27.21 5.71
C ASN A 80 1.45 -26.34 6.95
N LEU A 81 1.24 -25.03 6.83
CA LEU A 81 1.45 -24.09 7.94
C LEU A 81 0.52 -24.40 9.11
N ARG A 82 -0.74 -24.72 8.83
CA ARG A 82 -1.68 -25.09 9.91
C ARG A 82 -1.06 -26.24 10.72
N GLY A 83 -0.51 -27.23 10.03
CA GLY A 83 0.13 -28.38 10.70
C GLY A 83 1.39 -27.98 11.44
N TYR A 84 2.20 -27.10 10.87
CA TYR A 84 3.48 -26.71 11.51
C TYR A 84 3.21 -26.01 12.84
N TYR A 85 2.05 -25.37 13.01
CA TYR A 85 1.71 -24.63 14.24
C TYR A 85 0.66 -25.36 15.07
N ASN A 86 0.35 -26.62 14.73
CA ASN A 86 -0.60 -27.46 15.48
C ASN A 86 -1.96 -26.76 15.55
N GLN A 87 -2.36 -26.07 14.48
CA GLN A 87 -3.59 -25.25 14.53
C GLN A 87 -4.81 -26.07 14.11
N SER A 88 -5.95 -25.72 14.67
CA SER A 88 -7.23 -26.38 14.38
C SER A 88 -7.67 -26.02 12.96
N GLU A 89 -8.57 -26.83 12.40
CA GLU A 89 -9.18 -26.64 11.06
C GLU A 89 -10.18 -25.49 11.10
N ALA A 90 -10.53 -24.97 12.28
CA ALA A 90 -11.67 -24.03 12.47
C ALA A 90 -11.26 -22.59 12.13
N GLY A 91 -9.99 -22.22 12.31
CA GLY A 91 -9.56 -20.82 12.21
C GLY A 91 -9.23 -20.40 10.79
N SER A 92 -9.38 -19.11 10.53
CA SER A 92 -8.88 -18.46 9.30
C SER A 92 -7.43 -18.03 9.50
N HIS A 93 -6.60 -18.23 8.48
CA HIS A 93 -5.17 -17.87 8.54
C HIS A 93 -4.76 -17.18 7.24
N THR A 94 -3.69 -16.42 7.30
CA THR A 94 -3.25 -15.56 6.19
C THR A 94 -1.78 -15.88 5.87
N LEU A 95 -1.50 -16.14 4.60
CA LEU A 95 -0.11 -16.22 4.09
C LEU A 95 0.09 -15.06 3.14
N GLN A 96 1.11 -14.25 3.39
CA GLN A 96 1.48 -13.14 2.50
C GLN A 96 2.87 -13.38 1.94
N SER A 97 3.08 -12.99 0.70
CA SER A 97 4.42 -13.04 0.10
C SER A 97 4.69 -11.74 -0.64
N MET A 98 5.97 -11.37 -0.66
CA MET A 98 6.46 -10.21 -1.43
C MET A 98 7.70 -10.67 -2.18
N TYR A 99 7.76 -10.45 -3.48
CA TYR A 99 8.97 -10.81 -4.25
C TYR A 99 9.13 -9.85 -5.40
N GLY A 100 10.38 -9.71 -5.81
CA GLY A 100 10.70 -8.86 -6.97
C GLY A 100 12.08 -8.27 -6.86
N CYS A 101 12.35 -7.27 -7.68
CA CYS A 101 13.72 -6.76 -7.90
C CYS A 101 13.70 -5.23 -7.81
N ASP A 102 14.84 -4.71 -7.37
CA ASP A 102 15.15 -3.26 -7.37
C ASP A 102 16.28 -3.03 -8.37
N VAL A 103 16.17 -2.03 -9.23
CA VAL A 103 17.24 -1.65 -10.19
C VAL A 103 17.60 -0.19 -9.99
N GLY A 104 18.83 0.15 -10.35
CA GLY A 104 19.33 1.54 -10.32
C GLY A 104 18.94 2.29 -11.59
N PRO A 105 19.37 3.55 -11.72
CA PRO A 105 19.09 4.36 -12.92
C PRO A 105 19.59 3.74 -14.24
N ASP A 106 20.63 2.90 -14.16
CA ASP A 106 21.26 2.21 -15.33
C ASP A 106 20.51 0.89 -15.63
N GLY A 107 19.51 0.54 -14.81
CA GLY A 107 18.74 -0.71 -14.98
C GLY A 107 19.47 -1.92 -14.40
N ARG A 108 20.60 -1.70 -13.72
CA ARG A 108 21.40 -2.78 -13.08
C ARG A 108 20.68 -3.25 -11.81
N LEU A 109 20.72 -4.55 -11.53
CA LEU A 109 20.14 -5.11 -10.29
C LEU A 109 20.82 -4.47 -9.08
N LEU A 110 20.01 -3.94 -8.17
CA LEU A 110 20.45 -3.49 -6.83
C LEU A 110 20.27 -4.65 -5.86
N ARG A 111 19.09 -5.24 -5.79
CA ARG A 111 18.88 -6.48 -5.01
C ARG A 111 17.54 -7.10 -5.33
N GLY A 112 17.44 -8.36 -4.96
CA GLY A 112 16.22 -9.15 -5.10
C GLY A 112 15.56 -9.41 -3.76
N HIS A 113 14.29 -9.79 -3.80
CA HIS A 113 13.44 -10.02 -2.61
C HIS A 113 12.57 -11.24 -2.85
N ASN A 114 12.40 -12.05 -1.82
CA ASN A 114 11.40 -13.13 -1.82
C ASN A 114 11.16 -13.52 -0.38
N GLN A 115 10.06 -13.03 0.20
CA GLN A 115 9.82 -13.30 1.63
C GLN A 115 8.33 -13.50 1.91
N TYR A 116 8.07 -14.05 3.09
CA TYR A 116 6.74 -14.57 3.47
C TYR A 116 6.44 -14.18 4.91
N ALA A 117 5.15 -14.01 5.18
CA ALA A 117 4.63 -13.78 6.53
C ALA A 117 3.40 -14.67 6.72
N TYR A 118 3.25 -15.20 7.91
CA TYR A 118 2.08 -16.03 8.28
C TYR A 118 1.39 -15.35 9.44
N ASP A 119 0.09 -15.11 9.27
CA ASP A 119 -0.73 -14.41 10.29
C ASP A 119 -0.01 -13.12 10.74
N GLY A 120 0.57 -12.40 9.78
CA GLY A 120 1.14 -11.06 10.01
C GLY A 120 2.53 -11.07 10.61
N LYS A 121 3.13 -12.25 10.83
CA LYS A 121 4.49 -12.40 11.40
C LYS A 121 5.45 -12.87 10.30
N ASP A 122 6.62 -12.25 10.22
CA ASP A 122 7.69 -12.72 9.31
C ASP A 122 7.91 -14.21 9.54
N TYR A 123 8.01 -14.95 8.45
CA TYR A 123 8.11 -16.43 8.48
C TYR A 123 9.45 -16.87 7.89
N ILE A 124 9.68 -16.59 6.61
CA ILE A 124 10.96 -16.96 5.95
C ILE A 124 11.27 -15.91 4.91
N ALA A 125 12.56 -15.69 4.66
CA ALA A 125 12.99 -14.70 3.65
C ALA A 125 14.24 -15.25 2.96
N LEU A 126 14.29 -15.04 1.66
CA LEU A 126 15.54 -15.23 0.90
C LEU A 126 16.50 -14.12 1.28
N ASN A 127 17.71 -14.49 1.67
CA ASN A 127 18.72 -13.48 2.04
C ASN A 127 19.15 -12.69 0.80
N GLU A 128 19.83 -11.57 1.03
CA GLU A 128 20.26 -10.67 -0.06
C GLU A 128 21.20 -11.41 -1.02
N ASP A 129 21.92 -12.43 -0.54
CA ASP A 129 22.81 -13.25 -1.41
C ASP A 129 22.02 -14.05 -2.46
N LEU A 130 20.70 -14.18 -2.30
CA LEU A 130 19.84 -14.98 -3.20
C LEU A 130 20.26 -16.44 -3.20
N ARG A 131 20.88 -16.90 -2.10
CA ARG A 131 21.34 -18.32 -2.01
C ARG A 131 20.88 -18.99 -0.71
N SER A 132 20.61 -18.22 0.34
CA SER A 132 20.36 -18.76 1.69
C SER A 132 19.08 -18.15 2.25
N TRP A 133 18.54 -18.81 3.26
CA TRP A 133 17.23 -18.46 3.87
C TRP A 133 17.43 -18.01 5.31
N THR A 134 16.56 -17.13 5.76
CA THR A 134 16.41 -16.81 7.20
C THR A 134 15.02 -17.23 7.64
N ALA A 135 14.96 -18.20 8.54
CA ALA A 135 13.72 -18.77 9.10
C ALA A 135 13.45 -18.14 10.47
N ALA A 136 12.21 -17.72 10.73
CA ALA A 136 11.87 -16.98 11.98
C ALA A 136 11.72 -17.92 13.17
N ASP A 137 11.40 -19.19 12.95
CA ASP A 137 11.04 -20.11 14.06
C ASP A 137 11.20 -21.56 13.59
N THR A 138 10.88 -22.52 14.46
CA THR A 138 11.10 -23.95 14.15
C THR A 138 10.16 -24.41 13.04
N ALA A 139 8.99 -23.78 12.86
CA ALA A 139 8.10 -24.09 11.73
C ALA A 139 8.81 -23.69 10.43
N ALA A 140 9.26 -22.45 10.34
CA ALA A 140 9.92 -21.96 9.11
C ALA A 140 11.21 -22.74 8.85
N GLN A 141 11.84 -23.32 9.87
CA GLN A 141 13.03 -24.19 9.65
C GLN A 141 12.63 -25.42 8.84
N ILE A 142 11.40 -25.93 9.00
CA ILE A 142 10.91 -27.06 8.16
C ILE A 142 10.86 -26.60 6.70
N THR A 143 10.26 -25.45 6.44
CA THR A 143 10.23 -24.89 5.08
C THR A 143 11.67 -24.72 4.56
N GLN A 144 12.53 -24.14 5.37
CA GLN A 144 13.93 -23.93 4.95
C GLN A 144 14.58 -25.25 4.53
N ARG A 145 14.45 -26.29 5.35
CA ARG A 145 15.08 -27.60 5.03
C ARG A 145 14.49 -28.13 3.71
N LYS A 146 13.18 -28.00 3.53
CA LYS A 146 12.53 -28.50 2.30
C LYS A 146 13.07 -27.73 1.08
N TRP A 147 13.16 -26.41 1.21
CA TRP A 147 13.61 -25.54 0.09
C TRP A 147 15.10 -25.75 -0.20
N GLU A 148 15.89 -26.02 0.83
CA GLU A 148 17.33 -26.36 0.65
C GLU A 148 17.43 -27.69 -0.10
N ALA A 149 16.64 -28.70 0.29
CA ALA A 149 16.67 -30.03 -0.34
C ALA A 149 16.31 -29.92 -1.83
N ALA A 150 15.37 -29.05 -2.17
CA ALA A 150 14.84 -28.90 -3.54
C ALA A 150 15.58 -27.80 -4.32
N ARG A 151 16.61 -27.17 -3.73
CA ARG A 151 17.42 -26.10 -4.39
C ARG A 151 16.48 -25.02 -4.94
N VAL A 152 15.48 -24.62 -4.15
CA VAL A 152 14.49 -23.58 -4.51
C VAL A 152 15.20 -22.22 -4.68
N ALA A 153 16.16 -21.89 -3.82
CA ALA A 153 16.84 -20.58 -3.90
C ALA A 153 17.46 -20.37 -5.28
N GLU A 154 17.99 -21.43 -5.91
CA GLU A 154 18.61 -21.32 -7.23
C GLU A 154 17.55 -20.89 -8.27
N GLN A 155 16.32 -21.40 -8.15
CA GLN A 155 15.22 -21.05 -9.06
C GLN A 155 14.80 -19.59 -8.83
N ASP A 156 14.68 -19.21 -7.57
CA ASP A 156 14.28 -17.82 -7.22
C ASP A 156 15.37 -16.85 -7.70
N ARG A 157 16.64 -17.20 -7.49
CA ARG A 157 17.75 -16.33 -7.94
C ARG A 157 17.67 -16.13 -9.45
N ALA A 158 17.42 -17.20 -10.20
CA ALA A 158 17.38 -17.13 -11.68
C ALA A 158 16.24 -16.19 -12.09
N TYR A 159 15.08 -16.29 -11.44
CA TYR A 159 13.94 -15.39 -11.72
C TYR A 159 14.33 -13.94 -11.39
N LEU A 160 14.86 -13.72 -10.20
CA LEU A 160 15.07 -12.32 -9.70
C LEU A 160 16.16 -11.61 -10.52
N GLU A 161 17.23 -12.32 -10.88
CA GLU A 161 18.34 -11.71 -11.65
C GLU A 161 18.03 -11.63 -13.14
N GLY A 162 17.17 -12.51 -13.64
CA GLY A 162 16.92 -12.64 -15.09
C GLY A 162 15.59 -12.03 -15.45
N THR A 163 14.55 -12.85 -15.38
CA THR A 163 13.17 -12.51 -15.79
C THR A 163 12.72 -11.18 -15.16
N CYS A 164 12.87 -11.04 -13.84
CA CYS A 164 12.34 -9.86 -13.11
C CYS A 164 13.00 -8.57 -13.64
N VAL A 165 14.32 -8.55 -13.70
CA VAL A 165 15.09 -7.35 -14.15
C VAL A 165 14.73 -7.06 -15.63
N GLU A 166 14.66 -8.10 -16.46
CA GLU A 166 14.37 -7.96 -17.91
C GLU A 166 12.98 -7.35 -18.10
N TRP A 167 11.98 -7.85 -17.38
CA TRP A 167 10.60 -7.32 -17.51
C TRP A 167 10.54 -5.89 -16.97
N LEU A 168 11.15 -5.62 -15.82
CA LEU A 168 11.12 -4.26 -15.25
C LEU A 168 11.72 -3.27 -16.27
N ARG A 169 12.85 -3.62 -16.89
CA ARG A 169 13.48 -2.75 -17.91
C ARG A 169 12.51 -2.51 -19.08
N ARG A 170 11.84 -3.56 -19.55
CA ARG A 170 10.87 -3.47 -20.68
C ARG A 170 9.70 -2.58 -20.27
N TYR A 171 9.15 -2.77 -19.08
CA TYR A 171 8.00 -1.97 -18.57
C TYR A 171 8.39 -0.49 -18.48
N LEU A 172 9.57 -0.21 -17.93
CA LEU A 172 10.00 1.20 -17.75
C LEU A 172 10.12 1.88 -19.11
N GLU A 173 10.62 1.16 -20.13
CA GLU A 173 10.75 1.71 -21.50
C GLU A 173 9.35 1.95 -22.08
N ASN A 174 8.49 0.94 -22.03
CA ASN A 174 7.13 0.99 -22.63
C ASN A 174 6.27 2.03 -21.92
N GLY A 175 6.45 2.22 -20.61
CA GLY A 175 5.68 3.15 -19.78
C GLY A 175 6.47 4.39 -19.40
N LYS A 176 7.49 4.78 -20.19
CA LYS A 176 8.46 5.83 -19.79
C LYS A 176 7.76 7.16 -19.53
N ASP A 177 6.66 7.47 -20.23
CA ASP A 177 5.98 8.78 -20.10
C ASP A 177 5.30 8.92 -18.73
N THR A 178 5.01 7.81 -18.05
CA THR A 178 4.40 7.81 -16.69
C THR A 178 5.38 7.24 -15.66
N LEU A 179 5.88 6.03 -15.87
CA LEU A 179 6.68 5.33 -14.84
C LEU A 179 7.96 6.09 -14.54
N GLU A 180 8.53 6.78 -15.54
CA GLU A 180 9.81 7.52 -15.37
C GLU A 180 9.54 9.03 -15.27
N ARG A 181 8.29 9.41 -15.01
CA ARG A 181 7.94 10.82 -14.77
C ARG A 181 7.62 11.01 -13.30
N ALA A 182 8.39 11.87 -12.62
CA ALA A 182 8.12 12.27 -11.23
C ALA A 182 7.30 13.56 -11.26
N ASP A 183 6.13 13.52 -10.65
CA ASP A 183 5.24 14.69 -10.55
C ASP A 183 5.48 15.34 -9.20
N PRO A 184 5.91 16.62 -9.15
CA PRO A 184 6.22 17.24 -7.88
C PRO A 184 4.96 17.53 -7.08
N PRO A 185 5.08 17.68 -5.75
CA PRO A 185 3.94 18.08 -4.95
C PRO A 185 3.56 19.54 -5.23
N LYS A 186 2.25 19.79 -5.22
CA LYS A 186 1.65 21.14 -5.11
C LYS A 186 1.53 21.41 -3.62
N THR A 187 2.06 22.53 -3.13
CA THR A 187 2.22 22.76 -1.67
C THR A 187 1.53 24.05 -1.26
N HIS A 188 1.01 24.06 -0.04
CA HIS A 188 0.49 25.29 0.62
C HIS A 188 0.48 25.05 2.13
N VAL A 189 0.45 26.14 2.89
CA VAL A 189 0.38 26.12 4.37
C VAL A 189 -0.93 26.76 4.77
N THR A 190 -1.69 26.07 5.63
CA THR A 190 -2.96 26.59 6.20
C THR A 190 -2.72 26.89 7.68
N HIS A 191 -3.55 27.79 8.20
CA HIS A 191 -3.47 28.33 9.57
C HIS A 191 -4.87 28.22 10.17
N HIS A 192 -4.99 27.57 11.33
CA HIS A 192 -6.29 27.36 12.03
C HIS A 192 -6.10 27.69 13.50
N PRO A 193 -6.57 28.85 14.02
CA PRO A 193 -6.55 29.09 15.46
C PRO A 193 -7.27 27.93 16.17
N ILE A 194 -6.71 27.44 17.29
CA ILE A 194 -7.38 26.42 18.16
C ILE A 194 -7.85 27.08 19.46
N SER A 195 -7.25 28.20 19.84
CA SER A 195 -7.63 29.01 21.02
C SER A 195 -7.07 30.41 20.85
N ASP A 196 -7.25 31.29 21.84
CA ASP A 196 -6.63 32.64 21.84
C ASP A 196 -5.09 32.48 21.83
N HIS A 197 -4.58 31.34 22.32
CA HIS A 197 -3.16 31.14 22.70
C HIS A 197 -2.38 30.40 21.61
N GLU A 198 -3.06 29.60 20.79
CA GLU A 198 -2.36 28.63 19.89
C GLU A 198 -3.10 28.51 18.56
N ALA A 199 -2.36 28.11 17.52
CA ALA A 199 -2.90 27.86 16.17
C ALA A 199 -2.19 26.64 15.57
N THR A 200 -2.90 25.95 14.70
CA THR A 200 -2.33 24.84 13.90
C THR A 200 -1.80 25.42 12.59
N LEU A 201 -0.54 25.14 12.27
CA LEU A 201 0.00 25.29 10.91
C LEU A 201 0.03 23.92 10.26
N ARG A 202 -0.57 23.80 9.08
CA ARG A 202 -0.60 22.52 8.35
C ARG A 202 0.04 22.73 6.99
N CYS A 203 1.06 21.93 6.72
CA CYS A 203 1.80 21.94 5.45
C CYS A 203 1.29 20.80 4.58
N TRP A 204 0.82 21.14 3.39
CA TRP A 204 0.15 20.24 2.43
C TRP A 204 1.07 19.93 1.26
N ALA A 205 1.08 18.66 0.86
CA ALA A 205 1.69 18.19 -0.40
C ALA A 205 0.63 17.40 -1.14
N LEU A 206 0.29 17.81 -2.36
CA LEU A 206 -0.78 17.18 -3.17
C LEU A 206 -0.25 16.87 -4.56
N GLY A 207 -0.78 15.81 -5.17
CA GLY A 207 -0.59 15.57 -6.61
C GLY A 207 0.79 15.03 -6.96
N PHE A 208 1.51 14.41 -6.03
CA PHE A 208 2.90 13.96 -6.29
C PHE A 208 2.95 12.47 -6.62
N TYR A 209 3.97 12.12 -7.40
CA TYR A 209 4.28 10.72 -7.77
C TYR A 209 5.79 10.65 -7.99
N PRO A 210 6.52 9.67 -7.44
CA PRO A 210 5.99 8.56 -6.65
C PRO A 210 5.65 8.99 -5.22
N ALA A 211 5.22 8.03 -4.40
CA ALA A 211 4.70 8.29 -3.04
C ALA A 211 5.80 8.80 -2.10
N GLU A 212 7.04 8.37 -2.30
CA GLU A 212 8.15 8.76 -1.41
C GLU A 212 8.22 10.29 -1.33
N ILE A 213 8.22 10.84 -0.13
CA ILE A 213 8.28 12.31 0.10
C ILE A 213 8.82 12.54 1.50
N THR A 214 9.50 13.68 1.69
CA THR A 214 9.83 14.11 3.04
C THR A 214 9.12 15.41 3.35
N LEU A 215 8.38 15.42 4.45
CA LEU A 215 7.65 16.67 4.76
C LEU A 215 7.84 16.91 6.25
N THR A 216 8.41 18.07 6.63
CA THR A 216 8.75 18.34 8.05
C THR A 216 8.34 19.81 8.27
N TRP A 217 7.97 20.16 9.56
CA TRP A 217 8.22 21.45 10.31
C TRP A 217 9.58 21.60 11.04
N GLN A 218 10.18 22.80 10.93
CA GLN A 218 11.32 23.32 11.76
C GLN A 218 10.83 24.55 12.54
N ARG A 219 11.31 24.71 13.78
CA ARG A 219 11.15 25.94 14.58
C ARG A 219 12.53 26.54 14.76
N ASP A 220 12.76 27.78 14.27
CA ASP A 220 14.08 28.44 14.31
C ASP A 220 15.16 27.50 13.73
N GLY A 221 14.80 26.73 12.69
CA GLY A 221 15.73 25.85 11.96
C GLY A 221 16.04 24.54 12.70
N GLU A 222 15.29 24.20 13.75
CA GLU A 222 15.43 22.93 14.50
C GLU A 222 14.22 22.03 14.20
N ASP A 223 14.45 20.74 13.93
CA ASP A 223 13.38 19.78 13.59
C ASP A 223 12.40 19.66 14.77
N GLN A 224 11.11 19.59 14.48
CA GLN A 224 10.01 19.45 15.47
C GLN A 224 9.42 18.04 15.36
N THR A 225 10.28 17.03 15.23
CA THR A 225 9.94 15.59 15.07
C THR A 225 8.80 15.24 16.04
N GLN A 226 9.01 15.48 17.33
CA GLN A 226 8.10 15.03 18.43
C GLN A 226 6.79 15.83 18.40
N ASP A 227 6.83 17.10 17.99
CA ASP A 227 5.65 18.02 18.05
C ASP A 227 4.93 18.08 16.70
N THR A 228 5.38 17.34 15.69
CA THR A 228 4.72 17.32 14.35
C THR A 228 3.74 16.15 14.28
N GLU A 229 2.50 16.42 13.85
CA GLU A 229 1.52 15.37 13.46
C GLU A 229 1.69 15.13 11.96
N LEU A 230 2.08 13.92 11.60
CA LEU A 230 2.40 13.53 10.20
C LEU A 230 1.43 12.41 9.80
N VAL A 231 0.49 12.67 8.89
CA VAL A 231 -0.45 11.61 8.42
C VAL A 231 0.30 10.71 7.43
N GLU A 232 -0.12 9.46 7.36
CA GLU A 232 0.37 8.51 6.36
C GLU A 232 0.12 9.09 4.97
N THR A 233 1.08 8.91 4.08
CA THR A 233 0.91 9.24 2.65
C THR A 233 -0.27 8.45 2.12
N ARG A 234 -1.13 9.10 1.33
CA ARG A 234 -2.43 8.50 0.95
C ARG A 234 -2.65 8.70 -0.53
N PRO A 235 -3.25 7.70 -1.21
CA PRO A 235 -3.51 7.81 -2.64
C PRO A 235 -4.70 8.71 -2.96
N ALA A 236 -4.56 9.53 -3.99
CA ALA A 236 -5.65 10.41 -4.46
C ALA A 236 -6.62 9.64 -5.36
N GLY A 237 -6.17 8.58 -6.04
CA GLY A 237 -6.97 7.79 -6.99
C GLY A 237 -6.76 8.19 -8.45
N ASP A 238 -5.86 9.15 -8.72
CA ASP A 238 -5.49 9.58 -10.09
C ASP A 238 -3.99 9.25 -10.35
N ARG A 239 -3.47 8.30 -9.59
CA ARG A 239 -2.05 7.80 -9.56
C ARG A 239 -1.24 8.58 -8.53
N THR A 240 -1.66 9.79 -8.16
CA THR A 240 -0.84 10.66 -7.29
C THR A 240 -1.15 10.40 -5.82
N PHE A 241 -0.34 11.03 -4.97
CA PHE A 241 -0.40 10.86 -3.52
C PHE A 241 -0.52 12.23 -2.85
N GLN A 242 -0.90 12.17 -1.58
CA GLN A 242 -1.12 13.35 -0.73
C GLN A 242 -0.50 13.11 0.64
N LYS A 243 -0.11 14.19 1.30
CA LYS A 243 0.40 14.10 2.69
C LYS A 243 0.29 15.47 3.32
N TRP A 244 0.16 15.51 4.64
CA TRP A 244 0.30 16.78 5.36
C TRP A 244 1.03 16.55 6.68
N ALA A 245 1.57 17.63 7.19
CA ALA A 245 2.29 17.69 8.47
C ALA A 245 1.79 18.92 9.21
N ALA A 246 1.48 18.80 10.50
CA ALA A 246 0.89 19.90 11.28
C ALA A 246 1.69 20.11 12.57
N VAL A 247 1.81 21.36 12.96
CA VAL A 247 2.41 21.76 14.26
C VAL A 247 1.48 22.76 14.93
N VAL A 248 1.40 22.68 16.25
CA VAL A 248 0.65 23.67 17.06
C VAL A 248 1.66 24.71 17.53
N VAL A 249 1.38 25.97 17.26
CA VAL A 249 2.35 27.07 17.47
C VAL A 249 1.69 28.13 18.34
N PRO A 250 2.49 28.84 19.18
CA PRO A 250 1.96 29.94 19.94
C PRO A 250 1.53 31.08 19.00
N SER A 251 0.40 31.71 19.30
CA SER A 251 -0.13 32.86 18.53
C SER A 251 0.97 33.92 18.41
N GLY A 252 1.23 34.39 17.19
CA GLY A 252 2.21 35.46 16.93
C GLY A 252 3.60 34.93 16.59
N GLU A 253 3.85 33.62 16.75
CA GLU A 253 5.19 33.02 16.52
C GLU A 253 5.24 32.26 15.19
N GLU A 254 4.25 32.43 14.33
CA GLU A 254 4.10 31.62 13.09
C GLU A 254 5.34 31.74 12.19
N GLN A 255 5.99 32.90 12.14
CA GLN A 255 7.09 33.13 11.16
C GLN A 255 8.39 32.44 11.60
N ARG A 256 8.42 31.85 12.81
CA ARG A 256 9.56 31.03 13.27
C ARG A 256 9.45 29.60 12.70
N TYR A 257 8.32 29.23 12.10
CA TYR A 257 8.13 27.86 11.61
C TYR A 257 8.29 27.85 10.13
N THR A 258 9.17 26.95 9.73
CA THR A 258 9.05 26.67 8.30
C THR A 258 8.72 25.21 7.99
N CYS A 259 8.10 24.99 6.78
CA CYS A 259 7.90 23.66 6.08
C CYS A 259 8.86 23.29 4.91
N HIS A 260 9.40 22.03 5.10
CA HIS A 260 10.55 21.59 4.29
C HIS A 260 10.04 20.43 3.48
N VAL A 261 10.16 20.55 2.16
CA VAL A 261 9.51 19.53 1.28
C VAL A 261 10.58 18.98 0.36
N GLN A 262 10.80 17.66 0.40
CA GLN A 262 11.75 16.98 -0.51
C GLN A 262 10.99 15.95 -1.33
N HIS A 263 11.16 15.99 -2.65
CA HIS A 263 10.51 15.07 -3.60
C HIS A 263 11.27 15.02 -4.92
N GLU A 264 11.32 13.84 -5.53
CA GLU A 264 12.08 13.57 -6.77
C GLU A 264 11.62 14.49 -7.92
N GLY A 265 10.35 14.92 -7.93
CA GLY A 265 9.78 15.77 -9.00
C GLY A 265 10.13 17.24 -8.85
N LEU A 266 10.69 17.66 -7.71
CA LEU A 266 11.10 19.06 -7.46
C LEU A 266 12.50 19.29 -8.04
N PRO A 267 12.73 20.41 -8.75
CA PRO A 267 14.08 20.78 -9.18
C PRO A 267 14.96 21.17 -7.98
N LYS A 268 14.35 21.68 -6.90
CA LYS A 268 15.03 22.07 -5.64
C LYS A 268 14.07 21.85 -4.46
N PRO A 269 14.57 21.41 -3.28
CA PRO A 269 13.72 21.28 -2.11
C PRO A 269 13.02 22.60 -1.77
N LEU A 270 11.80 22.52 -1.23
CA LEU A 270 10.97 23.71 -0.94
C LEU A 270 11.10 24.08 0.53
N THR A 271 11.04 25.40 0.80
CA THR A 271 10.92 25.96 2.18
C THR A 271 9.69 26.93 2.29
N LEU A 272 8.60 26.38 2.90
CA LEU A 272 7.27 27.09 2.95
C LEU A 272 6.90 27.66 4.34
N ARG A 273 6.47 28.92 4.39
CA ARG A 273 5.94 29.55 5.63
C ARG A 273 4.46 29.86 5.46
N TRP A 274 3.80 30.12 6.56
CA TRP A 274 2.38 30.56 6.51
C TRP A 274 2.31 31.92 5.79
N GLU A 275 1.59 31.98 4.67
CA GLU A 275 1.46 33.19 3.79
C GLU A 275 2.78 33.45 3.06
N MET B 1 -3.87 -14.40 18.23
CA MET B 1 -2.86 -14.03 17.19
C MET B 1 -2.62 -12.52 17.22
N ILE B 2 -1.73 -12.02 16.38
CA ILE B 2 -1.48 -10.55 16.20
C ILE B 2 -2.62 -9.98 15.35
N GLN B 3 -3.25 -8.91 15.84
CA GLN B 3 -4.24 -8.10 15.09
C GLN B 3 -3.79 -6.65 15.11
N ARG B 4 -4.04 -5.92 14.02
CA ARG B 4 -3.72 -4.47 13.92
C ARG B 4 -4.98 -3.72 13.48
N THR B 5 -5.35 -2.69 14.22
CA THR B 5 -6.59 -1.92 13.94
C THR B 5 -6.34 -0.97 12.78
N PRO B 6 -7.34 -0.73 11.91
CA PRO B 6 -7.13 0.16 10.78
C PRO B 6 -6.95 1.63 11.18
N LYS B 7 -6.01 2.28 10.50
CA LYS B 7 -5.95 3.75 10.37
C LYS B 7 -6.97 4.13 9.29
N ILE B 8 -7.60 5.29 9.44
CA ILE B 8 -8.69 5.75 8.55
C ILE B 8 -8.43 7.21 8.20
N GLN B 9 -8.43 7.52 6.92
CA GLN B 9 -8.43 8.91 6.43
C GLN B 9 -9.56 9.08 5.42
N VAL B 10 -10.29 10.18 5.55
CA VAL B 10 -11.39 10.55 4.63
C VAL B 10 -11.05 11.90 4.02
N TYR B 11 -11.07 11.98 2.69
CA TYR B 11 -10.54 13.15 1.96
C TYR B 11 -11.02 13.12 0.52
N SER B 12 -10.79 14.20 -0.20
CA SER B 12 -11.17 14.33 -1.62
C SER B 12 -9.94 14.16 -2.51
N ARG B 13 -10.18 13.67 -3.72
CA ARG B 13 -9.13 13.50 -4.75
C ARG B 13 -8.55 14.86 -5.11
N HIS B 14 -9.42 15.83 -5.37
CA HIS B 14 -9.07 17.21 -5.76
C HIS B 14 -9.47 18.15 -4.63
N PRO B 15 -8.86 19.36 -4.54
CA PRO B 15 -9.27 20.34 -3.54
C PRO B 15 -10.79 20.58 -3.63
N ALA B 16 -11.47 20.56 -2.49
CA ALA B 16 -12.95 20.66 -2.41
C ALA B 16 -13.39 22.03 -2.92
N GLU B 17 -14.37 22.05 -3.83
CA GLU B 17 -15.05 23.28 -4.32
C GLU B 17 -16.54 22.98 -4.38
N ASN B 18 -17.35 23.69 -3.59
CA ASN B 18 -18.82 23.48 -3.53
C ASN B 18 -19.39 23.54 -4.95
N GLY B 19 -20.14 22.51 -5.34
CA GLY B 19 -20.84 22.45 -6.63
C GLY B 19 -19.98 21.86 -7.74
N LYS B 20 -18.72 21.51 -7.47
CA LYS B 20 -17.80 20.93 -8.48
C LYS B 20 -17.62 19.43 -8.20
N SER B 21 -17.85 18.60 -9.22
CA SER B 21 -17.71 17.12 -9.14
C SER B 21 -16.29 16.76 -8.71
N ASN B 22 -16.16 15.75 -7.87
CA ASN B 22 -14.90 15.36 -7.19
C ASN B 22 -15.00 13.86 -6.89
N PHE B 23 -14.01 13.32 -6.20
CA PHE B 23 -14.08 11.95 -5.66
C PHE B 23 -13.85 12.01 -4.16
N LEU B 24 -14.70 11.30 -3.43
CA LEU B 24 -14.58 11.11 -1.98
C LEU B 24 -13.84 9.80 -1.74
N ASN B 25 -12.79 9.87 -0.95
CA ASN B 25 -11.88 8.74 -0.66
C ASN B 25 -11.98 8.40 0.81
N CYS B 26 -11.98 7.10 1.09
CA CYS B 26 -11.72 6.59 2.44
C CYS B 26 -10.58 5.58 2.33
N TYR B 27 -9.44 5.96 2.89
CA TYR B 27 -8.22 5.14 2.87
C TYR B 27 -8.10 4.45 4.21
N VAL B 28 -8.11 3.12 4.18
CA VAL B 28 -7.94 2.29 5.39
C VAL B 28 -6.60 1.58 5.25
N SER B 29 -5.78 1.63 6.29
CA SER B 29 -4.40 1.11 6.18
C SER B 29 -3.94 0.60 7.55
N GLY B 30 -2.83 -0.12 7.54
CA GLY B 30 -2.18 -0.56 8.79
C GLY B 30 -2.92 -1.68 9.49
N PHE B 31 -3.85 -2.38 8.83
CA PHE B 31 -4.71 -3.36 9.53
C PHE B 31 -4.30 -4.80 9.20
N HIS B 32 -4.69 -5.69 10.10
CA HIS B 32 -4.46 -7.15 9.99
C HIS B 32 -5.41 -7.83 10.95
N PRO B 33 -6.15 -8.89 10.56
CA PRO B 33 -6.16 -9.45 9.21
C PRO B 33 -6.92 -8.60 8.19
N SER B 34 -7.10 -9.11 6.97
CA SER B 34 -7.51 -8.31 5.79
C SER B 34 -9.02 -8.07 5.73
N ASP B 35 -9.84 -8.89 6.38
CA ASP B 35 -11.32 -8.70 6.31
C ASP B 35 -11.64 -7.34 6.93
N ILE B 36 -12.39 -6.53 6.20
CA ILE B 36 -12.75 -5.17 6.64
C ILE B 36 -14.02 -4.77 5.90
N GLU B 37 -14.87 -3.99 6.56
CA GLU B 37 -16.11 -3.49 5.93
C GLU B 37 -16.04 -1.97 5.97
N VAL B 38 -16.17 -1.35 4.81
CA VAL B 38 -16.05 0.13 4.66
C VAL B 38 -17.28 0.61 3.90
N ASP B 39 -17.98 1.58 4.49
CA ASP B 39 -19.09 2.30 3.83
C ASP B 39 -18.71 3.77 3.73
N LEU B 40 -19.05 4.41 2.61
CA LEU B 40 -19.07 5.89 2.52
C LEU B 40 -20.50 6.35 2.79
N LEU B 41 -20.64 7.39 3.61
CA LEU B 41 -21.96 7.90 4.05
C LEU B 41 -22.16 9.32 3.49
N LYS B 42 -23.37 9.58 3.00
CA LYS B 42 -23.86 10.94 2.67
C LYS B 42 -25.03 11.25 3.59
N ASN B 43 -24.88 12.25 4.46
CA ASN B 43 -25.92 12.63 5.46
C ASN B 43 -26.36 11.38 6.24
N GLY B 44 -25.38 10.52 6.60
CA GLY B 44 -25.56 9.35 7.48
C GLY B 44 -26.05 8.10 6.77
N GLU B 45 -26.30 8.11 5.48
CA GLU B 45 -26.83 6.96 4.69
C GLU B 45 -25.76 6.42 3.75
N ARG B 46 -25.78 5.14 3.56
CA ARG B 46 -24.75 4.42 2.77
C ARG B 46 -24.86 4.84 1.30
N ILE B 47 -23.74 5.28 0.71
CA ILE B 47 -23.64 5.53 -0.75
C ILE B 47 -23.53 4.17 -1.46
N GLU B 48 -24.28 3.98 -2.54
CA GLU B 48 -24.28 2.72 -3.32
C GLU B 48 -23.16 2.71 -4.36
N LYS B 49 -22.74 1.51 -4.76
CA LYS B 49 -21.80 1.25 -5.89
C LYS B 49 -20.45 1.91 -5.63
N VAL B 50 -20.05 2.04 -4.35
CA VAL B 50 -18.68 2.52 -3.97
C VAL B 50 -17.68 1.49 -4.50
N GLU B 51 -16.60 1.96 -5.13
CA GLU B 51 -15.52 1.11 -5.69
C GLU B 51 -14.38 1.04 -4.68
N HIS B 52 -13.54 0.02 -4.80
CA HIS B 52 -12.32 -0.08 -3.98
C HIS B 52 -11.16 -0.63 -4.80
N SER B 53 -9.98 -0.33 -4.30
CA SER B 53 -8.70 -0.82 -4.86
C SER B 53 -8.57 -2.32 -4.62
N ASP B 54 -7.60 -2.93 -5.28
CA ASP B 54 -7.26 -4.36 -5.09
C ASP B 54 -6.42 -4.50 -3.82
N LEU B 55 -6.75 -5.49 -3.00
CA LEU B 55 -6.06 -5.72 -1.71
C LEU B 55 -4.55 -5.80 -1.91
N SER B 56 -3.85 -4.98 -1.17
CA SER B 56 -2.38 -5.02 -1.13
C SER B 56 -1.94 -4.69 0.28
N PHE B 57 -0.63 -4.62 0.49
CA PHE B 57 -0.10 -4.40 1.84
C PHE B 57 1.25 -3.71 1.74
N SER B 58 1.62 -3.12 2.86
CA SER B 58 2.89 -2.39 3.04
C SER B 58 4.00 -3.38 3.38
N LYS B 59 5.24 -2.91 3.40
CA LYS B 59 6.38 -3.85 3.62
C LYS B 59 6.35 -4.37 5.07
N ASP B 60 5.59 -3.77 5.98
CA ASP B 60 5.39 -4.31 7.36
C ASP B 60 4.24 -5.32 7.39
N TRP B 61 3.70 -5.68 6.23
CA TRP B 61 2.65 -6.73 6.01
C TRP B 61 1.25 -6.21 6.32
N SER B 62 1.10 -4.97 6.78
CA SER B 62 -0.24 -4.43 7.09
C SER B 62 -0.99 -4.07 5.80
N PHE B 63 -2.27 -4.40 5.76
CA PHE B 63 -3.10 -4.24 4.55
C PHE B 63 -3.53 -2.80 4.37
N TYR B 64 -3.84 -2.44 3.13
CA TYR B 64 -4.48 -1.14 2.83
C TYR B 64 -5.45 -1.29 1.66
N LEU B 65 -6.49 -0.47 1.70
CA LEU B 65 -7.54 -0.37 0.66
C LEU B 65 -7.96 1.10 0.54
N LEU B 66 -8.24 1.51 -0.69
CA LEU B 66 -8.89 2.80 -0.96
C LEU B 66 -10.31 2.52 -1.44
N TYR B 67 -11.29 3.10 -0.75
CA TYR B 67 -12.72 3.12 -1.16
C TYR B 67 -13.01 4.50 -1.71
N TYR B 68 -13.76 4.58 -2.80
CA TYR B 68 -13.94 5.88 -3.48
C TYR B 68 -15.24 5.91 -4.25
N THR B 69 -15.78 7.12 -4.38
CA THR B 69 -17.02 7.37 -5.14
C THR B 69 -17.00 8.81 -5.65
N GLU B 70 -17.61 9.04 -6.80
CA GLU B 70 -17.86 10.42 -7.30
C GLU B 70 -18.76 11.13 -6.30
N PHE B 71 -18.50 12.40 -6.04
CA PHE B 71 -19.42 13.26 -5.25
C PHE B 71 -19.22 14.71 -5.65
N THR B 72 -20.26 15.51 -5.41
CA THR B 72 -20.26 16.97 -5.60
C THR B 72 -20.46 17.61 -4.22
N PRO B 73 -19.37 18.06 -3.55
CA PRO B 73 -19.50 18.67 -2.23
C PRO B 73 -20.38 19.93 -2.29
N THR B 74 -21.16 20.13 -1.22
CA THR B 74 -21.99 21.34 -1.01
C THR B 74 -21.72 21.85 0.41
N GLU B 75 -22.21 23.04 0.75
CA GLU B 75 -22.02 23.64 2.10
C GLU B 75 -22.71 22.76 3.14
N LYS B 76 -23.87 22.18 2.79
CA LYS B 76 -24.81 21.55 3.76
C LYS B 76 -24.54 20.04 3.90
N ASP B 77 -24.20 19.35 2.80
CA ASP B 77 -24.09 17.86 2.77
C ASP B 77 -22.92 17.41 3.64
N GLU B 78 -23.17 16.43 4.51
CA GLU B 78 -22.16 15.82 5.41
C GLU B 78 -21.71 14.49 4.81
N TYR B 79 -20.41 14.26 4.73
CA TYR B 79 -19.85 12.98 4.25
C TYR B 79 -19.00 12.35 5.35
N ALA B 80 -18.94 11.03 5.33
CA ALA B 80 -18.20 10.25 6.34
C ALA B 80 -17.84 8.89 5.79
N CYS B 81 -16.94 8.23 6.49
CA CYS B 81 -16.54 6.84 6.24
C CYS B 81 -16.83 6.03 7.50
N ARG B 82 -17.44 4.86 7.32
CA ARG B 82 -17.78 3.94 8.43
C ARG B 82 -17.00 2.65 8.23
N VAL B 83 -16.22 2.27 9.23
CA VAL B 83 -15.28 1.12 9.11
C VAL B 83 -15.59 0.13 10.23
N ASN B 84 -15.67 -1.15 9.86
CA ASN B 84 -15.70 -2.23 10.88
C ASN B 84 -14.58 -3.21 10.58
N HIS B 85 -14.03 -3.77 11.65
CA HIS B 85 -12.86 -4.68 11.63
C HIS B 85 -12.93 -5.52 12.90
N VAL B 86 -12.32 -6.69 12.89
CA VAL B 86 -12.38 -7.62 14.06
C VAL B 86 -11.85 -6.88 15.30
N THR B 87 -10.92 -5.94 15.13
CA THR B 87 -10.26 -5.18 16.25
C THR B 87 -11.21 -4.12 16.84
N LEU B 88 -12.33 -3.80 16.18
CA LEU B 88 -13.25 -2.72 16.62
C LEU B 88 -14.52 -3.35 17.23
N SER B 89 -14.86 -2.96 18.46
CA SER B 89 -16.07 -3.42 19.18
C SER B 89 -17.33 -2.92 18.45
N GLN B 90 -17.24 -1.73 17.84
CA GLN B 90 -18.36 -1.08 17.09
C GLN B 90 -17.79 -0.41 15.85
N PRO B 91 -18.60 -0.22 14.78
CA PRO B 91 -18.13 0.54 13.62
C PRO B 91 -17.59 1.92 14.01
N LYS B 92 -16.45 2.30 13.43
CA LYS B 92 -15.82 3.62 13.63
C LYS B 92 -16.26 4.54 12.49
N ILE B 93 -16.81 5.71 12.83
CA ILE B 93 -17.20 6.74 11.81
C ILE B 93 -16.18 7.87 11.87
N VAL B 94 -15.60 8.19 10.71
CA VAL B 94 -14.69 9.36 10.54
C VAL B 94 -15.38 10.33 9.58
N LYS B 95 -15.60 11.56 10.03
CA LYS B 95 -16.26 12.61 9.22
C LYS B 95 -15.27 13.20 8.22
N TRP B 96 -15.75 13.50 7.03
CA TRP B 96 -14.99 14.27 6.02
C TRP B 96 -14.85 15.72 6.51
N ASP B 97 -13.60 16.13 6.77
CA ASP B 97 -13.20 17.52 7.08
C ASP B 97 -12.32 17.98 5.92
N ARG B 98 -12.74 19.00 5.19
CA ARG B 98 -12.08 19.41 3.91
C ARG B 98 -10.67 19.98 4.19
N ASP B 99 -10.33 20.24 5.46
CA ASP B 99 -9.00 20.77 5.85
C ASP B 99 -8.14 19.69 6.52
N MET B 100 -8.40 18.42 6.27
CA MET B 100 -7.51 17.33 6.73
C MET B 100 -7.45 16.18 5.71
N ALA C 12 7.48 -13.69 -18.56
CA ALA C 12 6.15 -14.17 -18.17
C ALA C 12 5.59 -13.26 -17.07
N PHE C 13 4.31 -13.39 -16.70
CA PHE C 13 3.76 -12.75 -15.48
C PHE C 13 4.12 -13.62 -14.28
N ALA C 14 4.71 -12.99 -13.27
CA ALA C 14 4.92 -13.55 -11.92
C ALA C 14 5.91 -14.71 -11.96
N LYS C 15 6.20 -15.16 -10.76
CA LYS C 15 7.23 -16.16 -10.45
C LYS C 15 6.51 -17.45 -10.07
N LYS C 16 7.04 -18.58 -10.53
CA LYS C 16 6.61 -19.89 -9.99
C LYS C 16 6.87 -19.90 -8.48
N LYS C 17 5.86 -20.23 -7.70
CA LYS C 17 6.01 -20.34 -6.24
C LYS C 17 6.21 -21.79 -5.84
N TYR C 18 6.75 -21.96 -4.64
CA TYR C 18 7.04 -23.29 -4.03
C TYR C 18 6.25 -23.37 -2.74
N CYS C 19 5.86 -24.48 -2.54
CA CYS C 19 5.07 -24.77 -1.32
C CYS C 19 5.95 -24.62 -0.10
N LEU C 20 5.33 -24.00 0.94
CA LEU C 20 6.05 -23.88 2.23
C LEU C 20 5.96 -25.22 2.98
#